data_2WJ0
#
_entry.id   2WJ0
#
_cell.length_a   110.980
_cell.length_b   110.980
_cell.length_c   150.500
_cell.angle_alpha   90.00
_cell.angle_beta   90.00
_cell.angle_gamma   120.00
#
_symmetry.space_group_name_H-M   'P 63 2 2'
#
loop_
_entity.id
_entity.type
_entity.pdbx_description
1 polymer 'ARCHAEAL HJC'
2 polymer HALF-JUNCTION
3 polymer HALF-JUNCTION
4 non-polymer 'COBALT HEXAMMINE(III)'
5 water water
#
loop_
_entity_poly.entity_id
_entity_poly.type
_entity_poly.pdbx_seq_one_letter_code
_entity_poly.pdbx_strand_id
1 'polypeptide(L)'
;GTMGKSKGTRFERDLLVELWKAGFAAIRVAGSGVSPFPCPDIVAGNGRTYLAIEVKMRKELPLYLSADEVEQLVTFARGF
GAEAYVALKLPRKKWRFFPVQMLERTEKNFKIDESVYPLGLEIAEVAGKFFQERFGEKV
;
A,B
2 'polydeoxyribonucleotide'
;(DG)(DG)(DG)(DG)(DA)(DT)(DC)(DC)(DC)(DT)(DA)(DA)(DG)(DC)(DT)(DC)(DC)(DA)(DT)(DC)
(DG)(DA)(DT)(DG)
;
C
3 'polydeoxyribonucleotide'
;(DC)(DA)(DT)(DC)(DG)(DA)(DT)(DG)(DG)(DA)(DG)(DC)(DT)(DT)(DA)(DG)(DG)(DG)(DA)(DT)
(DC)(DC)(DC)(DC)
;
D
#
loop_
_chem_comp.id
_chem_comp.type
_chem_comp.name
_chem_comp.formula
DA DNA linking 2'-DEOXYADENOSINE-5'-MONOPHOSPHATE 'C10 H14 N5 O6 P'
DC DNA linking 2'-DEOXYCYTIDINE-5'-MONOPHOSPHATE 'C9 H14 N3 O7 P'
DG DNA linking 2'-DEOXYGUANOSINE-5'-MONOPHOSPHATE 'C10 H14 N5 O7 P'
DT DNA linking THYMIDINE-5'-MONOPHOSPHATE 'C10 H15 N2 O8 P'
NCO non-polymer 'COBALT HEXAMMINE(III)' 'Co H18 N6 3'
#
# COMPACT_ATOMS: atom_id res chain seq x y z
N SER A 6 11.33 -19.43 -4.51
CA SER A 6 10.36 -18.34 -4.56
C SER A 6 9.22 -18.58 -3.56
N LYS A 7 9.54 -19.29 -2.49
CA LYS A 7 8.60 -19.58 -1.42
C LYS A 7 8.27 -18.31 -0.65
N GLY A 8 9.07 -17.28 -0.88
CA GLY A 8 8.87 -16.00 -0.25
C GLY A 8 7.41 -15.59 -0.11
N THR A 9 6.61 -15.89 -1.12
CA THR A 9 5.19 -15.57 -1.10
C THR A 9 4.49 -16.08 0.17
N ARG A 10 4.59 -17.38 0.43
CA ARG A 10 3.91 -17.96 1.58
C ARG A 10 4.21 -17.22 2.89
N PHE A 11 5.41 -16.66 3.01
CA PHE A 11 5.78 -15.93 4.22
C PHE A 11 5.25 -14.50 4.20
N GLU A 12 5.17 -13.90 3.02
CA GLU A 12 4.53 -12.61 2.88
C GLU A 12 3.08 -12.74 3.36
N ARG A 13 2.35 -13.71 2.80
CA ARG A 13 0.97 -13.97 3.20
C ARG A 13 0.84 -14.23 4.70
N ASP A 14 1.82 -14.94 5.27
CA ASP A 14 1.82 -15.27 6.70
C ASP A 14 1.89 -14.00 7.54
N LEU A 15 2.88 -13.18 7.23
CA LEU A 15 3.12 -11.96 7.97
C LEU A 15 1.91 -11.05 7.93
N LEU A 16 1.29 -10.93 6.76
CA LEU A 16 0.10 -10.09 6.61
C LEU A 16 -0.94 -10.38 7.67
N VAL A 17 -1.10 -11.65 8.01
CA VAL A 17 -2.06 -12.01 9.04
C VAL A 17 -1.62 -11.45 10.36
N GLU A 18 -0.35 -11.61 10.67
CA GLU A 18 0.21 -11.07 11.92
C GLU A 18 -0.06 -9.59 12.02
N LEU A 19 0.33 -8.84 11.00
CA LEU A 19 0.05 -7.41 10.95
C LEU A 19 -1.42 -7.14 11.17
N TRP A 20 -2.27 -7.77 10.36
CA TRP A 20 -3.69 -7.53 10.45
C TRP A 20 -4.17 -7.81 11.87
N LYS A 21 -3.54 -8.78 12.53
CA LYS A 21 -3.91 -9.14 13.89
C LYS A 21 -3.43 -8.09 14.90
N ALA A 22 -2.37 -7.37 14.55
CA ALA A 22 -1.81 -6.33 15.40
C ALA A 22 -2.45 -4.96 15.14
N GLY A 23 -3.44 -4.94 14.25
CA GLY A 23 -4.20 -3.73 13.99
C GLY A 23 -3.80 -2.99 12.74
N PHE A 24 -2.95 -3.62 11.92
CA PHE A 24 -2.45 -2.96 10.73
C PHE A 24 -3.23 -3.33 9.48
N ALA A 25 -3.86 -2.34 8.86
CA ALA A 25 -4.32 -2.53 7.51
C ALA A 25 -3.05 -2.71 6.69
N ALA A 26 -2.87 -3.89 6.11
CA ALA A 26 -1.66 -4.20 5.36
C ALA A 26 -1.97 -4.82 4.00
N ILE A 27 -1.03 -4.74 3.08
CA ILE A 27 -1.23 -5.26 1.74
C ILE A 27 0.08 -5.77 1.14
N ARG A 28 -0.01 -6.58 0.10
CA ARG A 28 1.19 -6.97 -0.62
C ARG A 28 1.31 -6.11 -1.87
N VAL A 29 2.53 -5.77 -2.23
CA VAL A 29 2.76 -4.88 -3.35
C VAL A 29 2.85 -5.71 -4.62
N ALA A 30 2.01 -5.38 -5.60
CA ALA A 30 2.03 -6.04 -6.92
C ALA A 30 3.02 -5.40 -7.89
N GLY A 31 3.39 -6.15 -8.92
CA GLY A 31 4.42 -5.71 -9.84
C GLY A 31 5.73 -5.47 -9.09
N SER A 32 5.80 -6.00 -7.87
CA SER A 32 6.95 -5.79 -6.98
C SER A 32 8.27 -6.16 -7.62
N GLY A 33 8.38 -7.40 -8.10
CA GLY A 33 9.58 -7.86 -8.76
C GLY A 33 9.89 -7.00 -9.98
N VAL A 34 9.44 -7.45 -11.14
CA VAL A 34 9.60 -6.68 -12.36
C VAL A 34 8.72 -5.44 -12.31
N SER A 35 9.28 -4.36 -11.76
CA SER A 35 8.51 -3.15 -11.49
C SER A 35 9.01 -1.93 -12.24
N PRO A 36 8.10 -1.00 -12.54
CA PRO A 36 8.42 0.29 -13.17
C PRO A 36 8.94 1.32 -12.16
N PHE A 37 8.97 0.96 -10.88
CA PHE A 37 9.34 1.90 -9.82
C PHE A 37 9.84 1.19 -8.56
N PRO A 38 10.20 1.96 -7.52
CA PRO A 38 10.57 1.40 -6.22
C PRO A 38 9.38 0.69 -5.56
N CYS A 39 9.58 -0.56 -5.15
CA CYS A 39 8.48 -1.33 -4.56
C CYS A 39 8.95 -2.39 -3.59
N PRO A 40 8.58 -2.23 -2.31
CA PRO A 40 8.79 -3.20 -1.23
C PRO A 40 7.82 -4.37 -1.32
N ASP A 41 7.83 -5.22 -0.32
CA ASP A 41 7.03 -6.43 -0.35
C ASP A 41 5.64 -6.16 0.22
N ILE A 42 5.60 -5.32 1.24
CA ILE A 42 4.37 -5.05 1.96
C ILE A 42 4.30 -3.60 2.43
N VAL A 43 3.08 -3.07 2.50
CA VAL A 43 2.87 -1.73 3.03
C VAL A 43 1.69 -1.75 4.00
N ALA A 44 1.84 -1.03 5.10
CA ALA A 44 0.84 -1.07 6.17
C ALA A 44 0.72 0.23 6.95
N GLY A 45 -0.45 0.43 7.53
CA GLY A 45 -0.71 1.59 8.35
C GLY A 45 -1.85 1.31 9.30
N ASN A 46 -1.72 1.80 10.52
CA ASN A 46 -2.75 1.61 11.53
C ASN A 46 -3.41 2.92 11.90
N GLY A 47 -3.08 3.97 11.15
CA GLY A 47 -3.63 5.28 11.42
C GLY A 47 -2.63 6.16 12.15
N ARG A 48 -1.71 5.55 12.87
CA ARG A 48 -0.66 6.28 13.58
C ARG A 48 0.71 6.04 12.98
N THR A 49 0.91 4.83 12.44
CA THR A 49 2.21 4.44 11.92
C THR A 49 2.06 3.88 10.50
N TYR A 50 3.06 4.11 9.67
CA TYR A 50 3.04 3.59 8.30
C TYR A 50 4.34 2.83 8.03
N LEU A 51 4.24 1.65 7.41
CA LEU A 51 5.40 0.79 7.26
C LEU A 51 5.70 0.40 5.82
N ALA A 52 6.89 0.74 5.36
CA ALA A 52 7.44 0.13 4.17
C ALA A 52 8.24 -1.05 4.66
N ILE A 53 8.01 -2.22 4.09
CA ILE A 53 8.64 -3.44 4.59
C ILE A 53 9.27 -4.30 3.51
N GLU A 54 10.48 -4.79 3.77
CA GLU A 54 11.08 -5.82 2.94
C GLU A 54 11.10 -7.13 3.73
N VAL A 55 10.44 -8.15 3.20
CA VAL A 55 10.28 -9.40 3.91
C VAL A 55 11.36 -10.40 3.52
N LYS A 56 11.89 -11.11 4.50
CA LYS A 56 12.93 -12.12 4.29
C LYS A 56 12.75 -13.32 5.21
N MET A 57 12.91 -14.52 4.65
CA MET A 57 12.92 -15.75 5.42
C MET A 57 14.24 -16.48 5.22
N ARG A 58 14.88 -16.86 6.32
CA ARG A 58 16.15 -17.58 6.26
C ARG A 58 16.07 -18.80 7.14
N LYS A 59 16.74 -19.87 6.72
CA LYS A 59 16.92 -21.04 7.59
C LYS A 59 17.70 -20.60 8.82
N GLU A 60 18.65 -19.70 8.58
CA GLU A 60 19.64 -19.35 9.58
C GLU A 60 20.33 -18.03 9.21
N LEU A 61 20.88 -17.36 10.22
CA LEU A 61 21.64 -16.13 10.01
C LEU A 61 22.96 -16.52 9.38
N PRO A 62 23.63 -15.54 8.74
CA PRO A 62 23.20 -14.15 8.61
C PRO A 62 22.33 -13.93 7.38
N LEU A 63 21.61 -12.81 7.38
CA LEU A 63 20.84 -12.40 6.23
C LEU A 63 21.52 -11.20 5.56
N TYR A 64 21.85 -11.32 4.28
CA TYR A 64 22.49 -10.23 3.57
C TYR A 64 21.48 -9.48 2.68
N LEU A 65 21.62 -8.16 2.61
CA LEU A 65 20.70 -7.33 1.85
C LEU A 65 21.46 -6.44 0.89
N SER A 66 21.25 -6.65 -0.40
CA SER A 66 21.98 -5.91 -1.43
C SER A 66 21.91 -4.41 -1.19
N ALA A 67 23.02 -3.72 -1.46
CA ALA A 67 23.06 -2.28 -1.35
C ALA A 67 21.84 -1.70 -2.03
N ASP A 68 21.67 -2.07 -3.30
CA ASP A 68 20.55 -1.62 -4.11
C ASP A 68 19.18 -1.81 -3.43
N GLU A 69 18.86 -3.07 -3.15
CA GLU A 69 17.60 -3.41 -2.48
C GLU A 69 17.23 -2.39 -1.43
N VAL A 70 18.18 -2.10 -0.53
CA VAL A 70 17.93 -1.20 0.59
C VAL A 70 17.73 0.24 0.16
N GLU A 71 18.54 0.69 -0.79
CA GLU A 71 18.36 2.00 -1.39
C GLU A 71 16.91 2.12 -1.86
N GLN A 72 16.45 1.12 -2.59
CA GLN A 72 15.10 1.12 -3.14
C GLN A 72 14.03 1.20 -2.05
N LEU A 73 14.24 0.47 -0.96
CA LEU A 73 13.27 0.49 0.13
C LEU A 73 13.21 1.86 0.81
N VAL A 74 14.39 2.41 1.09
CA VAL A 74 14.43 3.72 1.75
C VAL A 74 13.97 4.82 0.83
N THR A 75 14.41 4.75 -0.43
CA THR A 75 13.92 5.66 -1.45
C THR A 75 12.41 5.67 -1.45
N PHE A 76 11.80 4.49 -1.42
CA PHE A 76 10.35 4.39 -1.40
C PHE A 76 9.79 4.88 -0.07
N ALA A 77 10.33 4.35 1.03
CA ALA A 77 9.84 4.71 2.36
C ALA A 77 9.82 6.23 2.52
N ARG A 78 10.90 6.89 2.11
CA ARG A 78 10.98 8.34 2.17
C ARG A 78 9.85 9.01 1.39
N GLY A 79 9.72 8.67 0.12
CA GLY A 79 8.66 9.17 -0.73
C GLY A 79 7.25 8.99 -0.19
N PHE A 80 6.91 7.74 0.15
CA PHE A 80 5.54 7.41 0.58
C PHE A 80 5.18 8.02 1.92
N GLY A 81 6.17 8.15 2.81
CA GLY A 81 5.92 8.67 4.13
C GLY A 81 5.73 7.56 5.14
N ALA A 82 6.62 6.57 5.08
CA ALA A 82 6.56 5.45 6.00
C ALA A 82 7.95 5.13 6.54
N GLU A 83 8.00 4.21 7.50
CA GLU A 83 9.26 3.81 8.11
C GLU A 83 9.77 2.51 7.49
N ALA A 84 10.94 2.58 6.86
CA ALA A 84 11.55 1.42 6.22
C ALA A 84 11.91 0.34 7.23
N TYR A 85 11.46 -0.88 6.97
CA TYR A 85 11.66 -2.03 7.87
C TYR A 85 12.00 -3.30 7.12
N VAL A 86 12.75 -4.16 7.79
CA VAL A 86 13.02 -5.50 7.30
C VAL A 86 12.40 -6.46 8.28
N ALA A 87 11.55 -7.36 7.78
CA ALA A 87 10.96 -8.39 8.63
C ALA A 87 11.70 -9.68 8.39
N LEU A 88 12.28 -10.26 9.45
CA LEU A 88 13.02 -11.50 9.27
C LEU A 88 12.36 -12.68 9.96
N LYS A 89 12.33 -13.81 9.25
CA LYS A 89 11.72 -15.02 9.78
C LYS A 89 12.70 -16.17 9.86
N LEU A 90 13.03 -16.59 11.07
CA LEU A 90 13.78 -17.82 11.28
C LEU A 90 12.82 -18.89 11.79
N PRO A 91 12.89 -20.09 11.20
CA PRO A 91 12.06 -21.24 11.46
C PRO A 91 11.38 -21.25 12.84
N ARG A 92 12.15 -21.55 13.89
CA ARG A 92 11.56 -21.75 15.22
C ARG A 92 11.11 -20.46 15.89
N LYS A 93 11.66 -19.33 15.45
CA LYS A 93 11.47 -18.07 16.15
C LYS A 93 10.30 -17.26 15.59
N LYS A 94 10.07 -16.10 16.18
CA LYS A 94 8.98 -15.22 15.75
C LYS A 94 9.44 -14.21 14.70
N TRP A 95 8.48 -13.52 14.09
CA TRP A 95 8.82 -12.46 13.15
C TRP A 95 9.57 -11.39 13.91
N ARG A 96 10.71 -10.98 13.37
CA ARG A 96 11.53 -9.95 13.99
C ARG A 96 11.55 -8.75 13.06
N PHE A 97 11.43 -7.55 13.63
CA PHE A 97 11.39 -6.34 12.80
C PHE A 97 12.61 -5.43 13.01
N PHE A 98 13.26 -5.08 11.91
CA PHE A 98 14.49 -4.31 11.97
C PHE A 98 14.38 -3.04 11.14
N PRO A 99 14.57 -1.88 11.78
CA PRO A 99 14.64 -0.60 11.07
C PRO A 99 15.94 -0.53 10.29
N VAL A 100 15.94 0.08 9.12
CA VAL A 100 17.16 0.13 8.30
C VAL A 100 18.33 0.80 9.02
N GLN A 101 18.03 1.55 10.08
CA GLN A 101 19.07 2.15 10.89
C GLN A 101 19.85 1.06 11.59
N MET A 102 19.19 -0.06 11.83
CA MET A 102 19.73 -1.13 12.64
C MET A 102 20.61 -2.06 11.81
N LEU A 103 20.62 -1.87 10.50
CA LEU A 103 21.37 -2.75 9.60
C LEU A 103 22.86 -2.50 9.68
N GLU A 104 23.65 -3.54 9.42
CA GLU A 104 25.11 -3.43 9.42
C GLU A 104 25.69 -3.54 8.03
N ARG A 105 26.68 -2.70 7.73
CA ARG A 105 27.26 -2.62 6.41
C ARG A 105 28.36 -3.67 6.21
N THR A 106 28.23 -4.48 5.15
CA THR A 106 29.34 -5.33 4.72
C THR A 106 30.18 -4.48 3.78
N GLU A 107 30.98 -5.11 2.93
CA GLU A 107 31.77 -4.36 1.96
C GLU A 107 30.88 -3.59 0.99
N LYS A 108 30.07 -4.31 0.23
CA LYS A 108 29.20 -3.67 -0.74
C LYS A 108 27.73 -3.98 -0.50
N ASN A 109 27.38 -4.23 0.77
CA ASN A 109 26.01 -4.59 1.16
C ASN A 109 25.70 -4.42 2.65
N PHE A 110 24.60 -5.02 3.09
CA PHE A 110 24.19 -4.93 4.49
C PHE A 110 23.88 -6.31 5.03
N LYS A 111 23.68 -6.40 6.33
CA LYS A 111 23.46 -7.70 6.95
C LYS A 111 22.81 -7.61 8.32
N ILE A 112 22.18 -8.71 8.72
CA ILE A 112 21.73 -8.93 10.08
C ILE A 112 22.26 -10.29 10.50
N ASP A 113 23.15 -10.31 11.49
CA ASP A 113 23.74 -11.58 11.93
C ASP A 113 23.38 -11.89 13.37
N GLU A 114 24.13 -12.79 13.98
CA GLU A 114 23.88 -13.19 15.37
C GLU A 114 24.00 -12.03 16.34
N SER A 115 24.79 -11.01 15.98
CA SER A 115 25.02 -9.88 16.87
C SER A 115 23.89 -8.85 16.80
N VAL A 116 23.07 -8.94 15.75
CA VAL A 116 22.01 -7.97 15.52
C VAL A 116 20.59 -8.55 15.71
N TYR A 117 20.36 -9.76 15.22
CA TYR A 117 19.05 -10.39 15.36
C TYR A 117 18.40 -10.17 16.73
N PRO A 118 19.18 -10.30 17.82
CA PRO A 118 18.58 -10.21 19.16
C PRO A 118 17.91 -8.86 19.44
N LEU A 119 18.53 -7.77 19.00
CA LEU A 119 17.95 -6.45 19.23
C LEU A 119 16.91 -6.07 18.16
N GLY A 120 16.22 -7.06 17.62
CA GLY A 120 15.10 -6.84 16.73
C GLY A 120 13.79 -6.72 17.49
N LEU A 121 12.76 -6.21 16.82
CA LEU A 121 11.49 -5.90 17.45
C LEU A 121 10.39 -6.93 17.20
N GLU A 122 9.50 -7.07 18.18
CA GLU A 122 8.28 -7.86 18.03
C GLU A 122 7.29 -7.02 17.25
N ILE A 123 6.27 -7.65 16.67
CA ILE A 123 5.26 -6.91 15.92
C ILE A 123 4.55 -5.90 16.81
N ALA A 124 4.43 -6.23 18.09
CA ALA A 124 3.72 -5.38 19.04
C ALA A 124 4.52 -4.14 19.38
N GLU A 125 5.85 -4.26 19.35
CA GLU A 125 6.72 -3.14 19.63
C GLU A 125 6.67 -2.15 18.47
N VAL A 126 6.60 -2.69 17.26
CA VAL A 126 6.49 -1.90 16.04
C VAL A 126 5.31 -0.92 16.07
N ALA A 127 4.14 -1.39 16.48
CA ALA A 127 2.94 -0.58 16.45
C ALA A 127 3.00 0.60 17.44
N GLY A 128 3.38 0.31 18.68
CA GLY A 128 3.34 1.31 19.72
C GLY A 128 4.69 1.73 20.27
N LYS A 129 5.51 2.35 19.43
CA LYS A 129 6.78 2.87 19.87
C LYS A 129 6.76 4.39 19.83
N PHE A 130 6.41 4.92 18.66
CA PHE A 130 6.39 6.35 18.40
C PHE A 130 6.04 7.17 19.65
N LYS B 7 -4.75 -4.68 -22.58
CA LYS B 7 -6.19 -4.41 -22.49
C LYS B 7 -6.53 -3.13 -21.69
N GLY B 8 -7.33 -3.30 -20.64
CA GLY B 8 -7.58 -2.21 -19.71
C GLY B 8 -6.43 -2.09 -18.73
N THR B 9 -5.35 -2.82 -19.01
CA THR B 9 -4.18 -2.82 -18.15
C THR B 9 -3.26 -1.69 -18.53
N ARG B 10 -3.57 -1.02 -19.64
CA ARG B 10 -2.81 0.12 -20.10
C ARG B 10 -3.43 1.40 -19.55
N PHE B 11 -4.64 1.28 -19.02
CA PHE B 11 -5.28 2.36 -18.26
C PHE B 11 -4.90 2.23 -16.80
N GLU B 12 -4.93 0.98 -16.32
CA GLU B 12 -4.49 0.65 -14.98
C GLU B 12 -3.15 1.33 -14.67
N ARG B 13 -2.12 0.95 -15.41
CA ARG B 13 -0.78 1.50 -15.19
C ARG B 13 -0.71 2.95 -15.64
N ASP B 14 -1.69 3.36 -16.45
CA ASP B 14 -1.75 4.73 -16.90
C ASP B 14 -2.05 5.66 -15.73
N LEU B 15 -2.93 5.20 -14.85
CA LEU B 15 -3.33 5.95 -13.66
C LEU B 15 -2.21 6.05 -12.65
N LEU B 16 -1.50 4.94 -12.43
CA LEU B 16 -0.33 4.98 -11.55
C LEU B 16 0.60 6.14 -11.92
N VAL B 17 1.01 6.17 -13.19
CA VAL B 17 1.84 7.26 -13.68
C VAL B 17 1.35 8.61 -13.22
N GLU B 18 0.05 8.83 -13.33
CA GLU B 18 -0.55 10.09 -12.92
C GLU B 18 -0.23 10.38 -11.47
N LEU B 19 -0.49 9.41 -10.60
CA LEU B 19 -0.19 9.57 -9.18
C LEU B 19 1.28 9.93 -8.99
N TRP B 20 2.17 9.05 -9.42
CA TRP B 20 3.60 9.34 -9.39
C TRP B 20 3.87 10.76 -9.87
N LYS B 21 3.40 11.07 -11.08
CA LYS B 21 3.53 12.42 -11.63
C LYS B 21 3.26 13.48 -10.57
N ALA B 22 2.22 13.27 -9.78
CA ALA B 22 1.76 14.27 -8.83
C ALA B 22 2.47 14.18 -7.49
N GLY B 23 3.62 13.52 -7.47
CA GLY B 23 4.41 13.42 -6.26
C GLY B 23 4.01 12.22 -5.41
N PHE B 24 2.96 11.54 -5.80
CA PHE B 24 2.50 10.41 -5.00
C PHE B 24 3.30 9.14 -5.24
N ALA B 25 3.57 8.43 -4.16
CA ALA B 25 4.17 7.10 -4.23
C ALA B 25 3.06 6.06 -4.13
N ALA B 26 2.61 5.58 -5.29
CA ALA B 26 1.45 4.68 -5.35
C ALA B 26 1.86 3.25 -5.65
N ILE B 27 1.01 2.31 -5.27
CA ILE B 27 1.26 0.90 -5.55
C ILE B 27 -0.05 0.15 -5.84
N ARG B 28 0.05 -0.92 -6.62
CA ARG B 28 -1.11 -1.75 -6.93
C ARG B 28 -1.19 -2.86 -5.90
N VAL B 29 -2.35 -3.01 -5.27
CA VAL B 29 -2.51 -4.06 -4.28
C VAL B 29 -2.43 -5.43 -4.94
N ALA B 30 -1.61 -6.30 -4.37
CA ALA B 30 -1.45 -7.64 -4.89
C ALA B 30 -2.70 -8.46 -4.61
N GLY B 31 -3.30 -8.98 -5.68
CA GLY B 31 -4.44 -9.89 -5.58
C GLY B 31 -5.72 -9.30 -5.02
N SER B 32 -6.14 -8.15 -5.54
CA SER B 32 -7.37 -7.52 -5.06
C SER B 32 -8.61 -7.82 -5.93
N GLY B 33 -8.45 -8.70 -6.92
CA GLY B 33 -9.58 -9.39 -7.52
C GLY B 33 -9.87 -10.61 -6.63
N VAL B 34 -9.94 -10.32 -5.33
CA VAL B 34 -10.04 -11.33 -4.29
C VAL B 34 -11.37 -11.18 -3.57
N SER B 35 -11.79 -12.23 -2.89
CA SER B 35 -12.99 -12.20 -2.06
C SER B 35 -13.07 -10.87 -1.36
N PRO B 36 -14.28 -10.28 -1.29
CA PRO B 36 -14.50 -8.95 -0.72
C PRO B 36 -13.62 -8.72 0.51
N PHE B 37 -12.36 -8.40 0.27
CA PHE B 37 -11.40 -8.17 1.33
C PHE B 37 -11.11 -6.69 1.42
N PRO B 38 -11.30 -6.12 2.62
CA PRO B 38 -10.94 -4.73 2.87
C PRO B 38 -9.57 -4.43 2.29
N CYS B 39 -9.56 -3.98 1.04
CA CYS B 39 -8.31 -3.58 0.38
C CYS B 39 -8.63 -2.86 -0.92
N PRO B 40 -8.04 -1.66 -1.07
CA PRO B 40 -8.22 -0.87 -2.30
C PRO B 40 -7.51 -1.57 -3.44
N ASP B 41 -7.60 -1.02 -4.64
CA ASP B 41 -6.86 -1.57 -5.76
C ASP B 41 -5.51 -0.89 -5.82
N ILE B 42 -5.45 0.30 -5.23
CA ILE B 42 -4.23 1.09 -5.19
C ILE B 42 -4.09 1.80 -3.85
N VAL B 43 -2.86 1.95 -3.39
CA VAL B 43 -2.61 2.75 -2.21
C VAL B 43 -1.46 3.68 -2.50
N ALA B 44 -1.62 4.94 -2.16
CA ALA B 44 -0.60 5.94 -2.43
C ALA B 44 -0.45 6.87 -1.23
N GLY B 45 0.65 7.61 -1.20
CA GLY B 45 0.93 8.52 -0.12
C GLY B 45 2.14 9.38 -0.45
N ASN B 46 2.24 10.54 0.18
CA ASN B 46 3.37 11.43 -0.05
C ASN B 46 3.80 12.16 1.22
N GLY B 47 3.90 11.41 2.31
CA GLY B 47 4.35 11.97 3.58
C GLY B 47 3.27 12.79 4.26
N ARG B 48 2.32 13.30 3.47
CA ARG B 48 1.26 14.14 4.02
C ARG B 48 -0.13 13.56 3.78
N THR B 49 -0.46 13.34 2.50
CA THR B 49 -1.76 12.79 2.13
C THR B 49 -1.62 11.31 1.74
N TYR B 50 -2.51 10.47 2.27
CA TYR B 50 -2.53 9.05 1.95
C TYR B 50 -3.88 8.64 1.32
N LEU B 51 -3.83 7.83 0.28
CA LEU B 51 -5.04 7.51 -0.47
C LEU B 51 -5.36 6.01 -0.51
N ALA B 52 -6.65 5.70 -0.42
CA ALA B 52 -7.15 4.33 -0.60
C ALA B 52 -8.10 4.33 -1.79
N ILE B 53 -7.68 3.77 -2.91
CA ILE B 53 -8.35 4.02 -4.19
C ILE B 53 -8.99 2.78 -4.84
N GLU B 54 -10.33 2.76 -4.86
CA GLU B 54 -11.05 1.76 -5.62
C GLU B 54 -11.07 2.19 -7.09
N VAL B 55 -10.49 1.38 -7.96
CA VAL B 55 -10.39 1.72 -9.38
C VAL B 55 -11.52 1.13 -10.21
N LYS B 56 -12.34 2.00 -10.81
CA LYS B 56 -13.43 1.55 -11.67
C LYS B 56 -13.26 2.06 -13.11
N MET B 57 -13.40 1.15 -14.07
CA MET B 57 -13.41 1.53 -15.49
C MET B 57 -14.76 1.16 -16.13
N ARG B 58 -15.67 2.12 -16.18
CA ARG B 58 -17.00 1.85 -16.72
C ARG B 58 -17.19 2.40 -18.13
N LYS B 59 -17.95 1.66 -18.93
CA LYS B 59 -18.27 2.05 -20.30
C LYS B 59 -19.14 3.30 -20.36
N GLU B 60 -19.89 3.57 -19.30
CA GLU B 60 -20.78 4.71 -19.26
C GLU B 60 -21.41 4.88 -17.88
N LEU B 61 -22.01 6.05 -17.67
CA LEU B 61 -22.71 6.34 -16.42
C LEU B 61 -24.10 5.72 -16.46
N PRO B 62 -24.63 5.36 -15.29
CA PRO B 62 -23.98 5.55 -14.00
C PRO B 62 -23.12 4.35 -13.63
N LEU B 63 -22.16 4.57 -12.74
CA LEU B 63 -21.50 3.47 -12.06
C LEU B 63 -22.24 3.25 -10.75
N TYR B 64 -22.72 2.04 -10.54
CA TYR B 64 -23.34 1.69 -9.27
C TYR B 64 -22.30 1.03 -8.38
N LEU B 65 -22.48 1.17 -7.07
CA LEU B 65 -21.53 0.63 -6.13
C LEU B 65 -22.27 0.09 -4.91
N SER B 66 -22.33 -1.24 -4.79
CA SER B 66 -22.98 -1.85 -3.64
C SER B 66 -22.48 -1.16 -2.38
N ALA B 67 -23.40 -0.84 -1.47
CA ALA B 67 -23.06 -0.20 -0.21
C ALA B 67 -22.04 -1.06 0.54
N ASP B 68 -22.02 -2.35 0.21
CA ASP B 68 -21.01 -3.25 0.76
C ASP B 68 -19.63 -2.89 0.25
N GLU B 69 -19.46 -2.96 -1.07
CA GLU B 69 -18.22 -2.57 -1.73
C GLU B 69 -17.65 -1.29 -1.12
N VAL B 70 -18.52 -0.31 -0.90
CA VAL B 70 -18.13 0.96 -0.30
C VAL B 70 -17.68 0.76 1.15
N GLU B 71 -18.45 0.00 1.92
CA GLU B 71 -18.10 -0.30 3.31
C GLU B 71 -16.61 -0.60 3.40
N GLN B 72 -16.18 -1.59 2.64
CA GLN B 72 -14.80 -2.06 2.67
C GLN B 72 -13.78 -0.95 2.46
N LEU B 73 -14.03 -0.08 1.47
CA LEU B 73 -13.12 1.01 1.19
C LEU B 73 -12.97 1.92 2.40
N VAL B 74 -14.09 2.17 3.08
CA VAL B 74 -14.11 3.05 4.23
C VAL B 74 -13.52 2.37 5.46
N THR B 75 -13.90 1.11 5.67
CA THR B 75 -13.34 0.34 6.77
C THR B 75 -11.82 0.36 6.66
N PHE B 76 -11.33 -0.05 5.49
CA PHE B 76 -9.90 -0.05 5.25
C PHE B 76 -9.33 1.34 5.44
N ALA B 77 -9.78 2.28 4.60
CA ALA B 77 -9.27 3.65 4.66
C ALA B 77 -9.09 4.11 6.10
N ARG B 78 -10.11 3.89 6.91
CA ARG B 78 -10.06 4.28 8.32
C ARG B 78 -8.89 3.59 9.01
N GLY B 79 -8.87 2.27 8.95
CA GLY B 79 -7.85 1.49 9.60
C GLY B 79 -6.43 1.81 9.16
N PHE B 80 -6.25 2.11 7.88
CA PHE B 80 -4.92 2.39 7.35
C PHE B 80 -4.45 3.80 7.72
N GLY B 81 -5.37 4.75 7.70
CA GLY B 81 -5.04 6.13 7.97
C GLY B 81 -4.95 6.90 6.68
N ALA B 82 -5.83 6.57 5.74
CA ALA B 82 -5.87 7.24 4.45
C ALA B 82 -7.27 7.74 4.11
N GLU B 83 -7.36 8.46 2.99
CA GLU B 83 -8.63 8.95 2.48
C GLU B 83 -9.20 8.01 1.42
N ALA B 84 -10.50 7.76 1.49
CA ALA B 84 -11.15 6.84 0.55
C ALA B 84 -11.57 7.53 -0.76
N TYR B 85 -11.19 6.93 -1.89
CA TYR B 85 -11.46 7.49 -3.21
C TYR B 85 -11.88 6.44 -4.22
N VAL B 86 -12.71 6.86 -5.17
CA VAL B 86 -12.98 6.05 -6.35
C VAL B 86 -12.44 6.78 -7.58
N ALA B 87 -11.42 6.19 -8.21
CA ALA B 87 -10.94 6.70 -9.48
C ALA B 87 -11.80 6.07 -10.55
N LEU B 88 -12.19 6.85 -11.54
CA LEU B 88 -13.06 6.34 -12.59
C LEU B 88 -12.68 6.89 -13.97
N LYS B 89 -12.44 5.99 -14.91
CA LYS B 89 -12.17 6.43 -16.27
C LYS B 89 -13.31 6.08 -17.19
N LEU B 90 -13.71 7.03 -18.03
CA LEU B 90 -14.71 6.77 -19.06
C LEU B 90 -14.08 6.80 -20.45
N PRO B 91 -14.64 6.01 -21.38
CA PRO B 91 -14.17 5.70 -22.74
C PRO B 91 -13.40 6.79 -23.48
N ARG B 92 -13.64 8.07 -23.20
CA ARG B 92 -12.86 9.13 -23.84
C ARG B 92 -12.48 10.23 -22.85
N LYS B 93 -12.96 10.07 -21.62
CA LYS B 93 -12.61 11.00 -20.55
C LYS B 93 -11.41 10.46 -19.78
N LYS B 94 -10.62 11.37 -19.22
CA LYS B 94 -9.45 10.94 -18.44
C LYS B 94 -9.83 10.69 -16.98
N TRP B 95 -8.97 9.95 -16.28
CA TRP B 95 -9.24 9.58 -14.89
C TRP B 95 -9.81 10.75 -14.08
N ARG B 96 -10.57 10.43 -13.05
CA ARG B 96 -11.33 11.44 -12.32
C ARG B 96 -11.64 10.91 -10.93
N PHE B 97 -11.27 11.68 -9.90
CA PHE B 97 -11.27 11.19 -8.53
C PHE B 97 -12.47 11.63 -7.70
N PHE B 98 -13.08 10.67 -7.01
CA PHE B 98 -14.26 10.94 -6.19
C PHE B 98 -14.10 10.45 -4.77
N PRO B 99 -14.14 11.36 -3.80
CA PRO B 99 -14.12 10.98 -2.39
C PRO B 99 -15.39 10.20 -2.10
N VAL B 100 -15.40 9.35 -1.08
CA VAL B 100 -16.62 8.62 -0.75
C VAL B 100 -17.76 9.61 -0.50
N GLN B 101 -17.45 10.70 0.20
CA GLN B 101 -18.44 11.75 0.48
C GLN B 101 -19.20 12.15 -0.78
N MET B 102 -18.46 12.42 -1.85
CA MET B 102 -19.02 12.94 -3.09
C MET B 102 -20.00 11.97 -3.78
N LEU B 103 -20.12 10.76 -3.25
CA LEU B 103 -20.96 9.73 -3.87
C LEU B 103 -22.45 9.98 -3.67
N GLU B 104 -23.24 9.60 -4.67
CA GLU B 104 -24.69 9.70 -4.60
C GLU B 104 -25.24 8.36 -4.13
N ARG B 105 -26.28 8.39 -3.30
CA ARG B 105 -26.81 7.15 -2.76
C ARG B 105 -28.12 6.69 -3.41
N THR B 106 -28.41 5.41 -3.23
CA THR B 106 -29.72 4.85 -3.54
C THR B 106 -30.13 3.97 -2.37
N GLU B 107 -29.98 2.66 -2.52
CA GLU B 107 -30.26 1.73 -1.43
C GLU B 107 -29.09 0.78 -1.18
N LYS B 108 -29.25 -0.45 -1.68
CA LYS B 108 -28.21 -1.46 -1.59
C LYS B 108 -26.94 -0.96 -2.29
N ASN B 109 -27.07 0.16 -2.99
CA ASN B 109 -25.94 0.73 -3.72
C ASN B 109 -25.82 2.25 -3.56
N PHE B 110 -24.69 2.77 -4.02
CA PHE B 110 -24.51 4.20 -4.28
C PHE B 110 -24.33 4.31 -5.78
N LYS B 111 -23.96 5.49 -6.26
CA LYS B 111 -23.73 5.65 -7.69
C LYS B 111 -22.94 6.89 -8.06
N ILE B 112 -22.66 7.00 -9.35
CA ILE B 112 -22.05 8.18 -9.94
C ILE B 112 -22.60 8.37 -11.35
N ASP B 113 -23.45 9.38 -11.51
CA ASP B 113 -23.96 9.68 -12.84
C ASP B 113 -23.71 11.14 -13.18
N GLU B 114 -24.46 11.66 -14.15
CA GLU B 114 -24.25 13.02 -14.66
C GLU B 114 -24.29 14.08 -13.55
N SER B 115 -25.12 13.85 -12.55
CA SER B 115 -25.27 14.81 -11.46
C SER B 115 -23.94 15.16 -10.80
N VAL B 116 -23.12 14.15 -10.53
CA VAL B 116 -21.91 14.32 -9.72
C VAL B 116 -20.62 14.28 -10.53
N TYR B 117 -20.63 13.58 -11.66
CA TYR B 117 -19.41 13.35 -12.43
C TYR B 117 -18.55 14.59 -12.68
N PRO B 118 -19.15 15.67 -13.22
CA PRO B 118 -18.38 16.90 -13.43
C PRO B 118 -17.80 17.46 -12.14
N LEU B 119 -18.35 17.05 -11.00
CA LEU B 119 -17.85 17.49 -9.71
C LEU B 119 -16.56 16.77 -9.32
N GLY B 120 -16.46 15.50 -9.68
CA GLY B 120 -15.29 14.69 -9.39
C GLY B 120 -14.00 15.46 -9.56
N LEU B 121 -13.08 15.26 -8.63
CA LEU B 121 -11.81 15.97 -8.62
C LEU B 121 -10.82 15.43 -9.64
N GLU B 122 -9.72 16.16 -9.83
CA GLU B 122 -8.59 15.65 -10.55
C GLU B 122 -7.44 15.46 -9.58
N ILE B 123 -6.55 14.53 -9.93
CA ILE B 123 -5.47 14.10 -9.05
C ILE B 123 -4.76 15.19 -8.26
N ALA B 124 -4.31 16.24 -8.96
CA ALA B 124 -3.56 17.32 -8.34
C ALA B 124 -4.38 18.06 -7.29
N GLU B 125 -5.63 18.35 -7.63
CA GLU B 125 -6.56 18.98 -6.71
C GLU B 125 -6.75 18.13 -5.45
N VAL B 126 -6.50 16.82 -5.58
CA VAL B 126 -6.61 15.89 -4.47
C VAL B 126 -5.46 16.05 -3.49
N ALA B 127 -4.26 16.20 -4.05
CA ALA B 127 -3.08 16.47 -3.27
C ALA B 127 -3.19 17.85 -2.63
N GLY B 128 -3.86 18.77 -3.33
CA GLY B 128 -3.98 20.15 -2.88
C GLY B 128 -4.86 20.37 -1.67
N LYS B 129 -5.76 19.41 -1.41
CA LYS B 129 -6.67 19.51 -0.28
C LYS B 129 -5.97 19.78 1.05
N PHE B 130 -4.89 19.05 1.28
CA PHE B 130 -4.14 19.14 2.55
C PHE B 130 -3.84 20.56 3.01
N PHE B 131 -3.78 21.50 2.08
CA PHE B 131 -3.43 22.89 2.42
C PHE B 131 -4.61 23.86 2.26
CO NCO E . -12.30 -5.37 -3.62
N1 NCO E . -12.57 -6.42 -5.28
N2 NCO E . -12.03 -4.32 -1.96
N3 NCO E . -13.43 -6.64 -2.62
N4 NCO E . -13.90 -4.27 -4.03
N5 NCO E . -11.13 -4.11 -4.62
N6 NCO E . -10.71 -6.49 -3.20
#